data_1KLT
#
_entry.id   1KLT
#
_cell.length_a   43.930
_cell.length_b   58.160
_cell.length_c   86.090
_cell.angle_alpha   90.00
_cell.angle_beta   90.00
_cell.angle_gamma   90.00
#
_symmetry.space_group_name_H-M   'P 21 21 21'
#
loop_
_entity.id
_entity.type
_entity.pdbx_description
1 polymer CHYMASE
2 non-polymer 'phenylmethanesulfonic acid'
3 water water
#
_entity_poly.entity_id   1
_entity_poly.type   'polypeptide(L)'
_entity_poly.pdbx_seq_one_letter_code
;IIGGTESKPHSRPYMAYLEIVTSNGPSKFCGGFLIRRNFVLTAAHCAGRSITVTLGAHNITEEEDTWQKLEVIKQFRHPK
YNTSTLHHDIMLLKLKEKASLTLAVGTLPFPSQFNFVPPGRMCRVAGWGRTGVLKPGSDTLQEVKLRLMDPQACSHFRDF
DHNLQLCVGNPRKTKSAFKGDSGGPLLCAGVAQGIVSYGRSDAKPPAVFTRISHYRPWINQILQAN
;
_entity_poly.pdbx_strand_id   A
#
# COMPACT_ATOMS: atom_id res chain seq x y z
N ILE A 1 1.23 -8.13 7.92
CA ILE A 1 1.76 -9.11 6.92
C ILE A 1 1.77 -10.41 7.66
N ILE A 2 1.17 -11.44 7.06
CA ILE A 2 1.11 -12.79 7.64
C ILE A 2 2.08 -13.77 7.00
N GLY A 3 2.78 -14.50 7.86
CA GLY A 3 3.76 -15.49 7.43
C GLY A 3 5.02 -14.99 6.76
N GLY A 4 5.47 -13.78 7.12
CA GLY A 4 6.67 -13.22 6.54
C GLY A 4 7.85 -13.02 7.49
N THR A 5 8.75 -12.14 7.07
CA THR A 5 9.92 -11.85 7.87
C THR A 5 10.16 -10.36 7.95
N GLU A 6 11.01 -10.00 8.91
CA GLU A 6 11.41 -8.64 9.16
C GLU A 6 12.27 -8.20 7.99
N SER A 7 11.98 -7.04 7.43
CA SER A 7 12.76 -6.49 6.31
C SER A 7 14.16 -6.17 6.77
N LYS A 8 15.13 -6.10 5.89
CA LYS A 8 16.45 -5.67 6.36
C LYS A 8 16.14 -4.17 6.55
N PRO A 9 16.67 -3.56 7.61
CA PRO A 9 16.38 -2.14 7.85
C PRO A 9 16.71 -1.20 6.70
N HIS A 10 15.77 -0.34 6.36
CA HIS A 10 15.96 0.66 5.30
C HIS A 10 16.23 0.09 3.92
N SER A 11 15.94 -1.19 3.73
CA SER A 11 16.15 -1.81 2.41
C SER A 11 15.02 -1.42 1.44
N ARG A 12 13.96 -0.81 1.95
CA ARG A 12 12.84 -0.39 1.13
C ARG A 12 12.52 1.07 1.51
N PRO A 13 13.38 2.01 1.04
CA PRO A 13 13.28 3.43 1.31
C PRO A 13 12.02 4.18 0.87
N TYR A 14 11.14 3.51 0.15
CA TYR A 14 9.93 4.18 -0.30
C TYR A 14 8.78 3.90 0.63
N MET A 15 9.04 3.09 1.67
CA MET A 15 7.98 2.72 2.60
C MET A 15 7.62 3.88 3.44
N ALA A 16 6.33 4.19 3.44
CA ALA A 16 5.78 5.28 4.19
C ALA A 16 4.83 4.72 5.26
N TYR A 17 4.95 5.21 6.48
CA TYR A 17 4.03 4.75 7.52
C TYR A 17 3.02 5.92 7.70
N LEU A 18 1.72 5.66 7.62
CA LEU A 18 0.70 6.73 7.76
C LEU A 18 -0.09 6.63 9.07
N GLU A 19 -0.13 7.74 9.81
CA GLU A 19 -0.89 7.76 11.07
C GLU A 19 -2.12 8.52 10.68
N ILE A 20 -3.31 7.96 10.91
CA ILE A 20 -4.51 8.67 10.47
C ILE A 20 -5.48 8.97 11.59
N VAL A 21 -6.02 10.17 11.57
CA VAL A 21 -7.01 10.57 12.56
C VAL A 21 -8.37 10.58 11.86
N THR A 22 -9.32 9.89 12.45
CA THR A 22 -10.67 9.77 11.92
C THR A 22 -11.64 10.57 12.80
N SER A 23 -12.83 10.86 12.25
CA SER A 23 -13.91 11.57 12.97
C SER A 23 -14.71 10.52 13.73
N ASN A 24 -14.04 9.83 14.64
CA ASN A 24 -14.65 8.74 15.41
C ASN A 24 -13.48 8.00 16.07
N GLY A 25 -13.75 6.79 16.58
CA GLY A 25 -12.76 5.93 17.23
C GLY A 25 -11.31 6.07 16.81
N PRO A 26 -10.66 7.13 17.28
CA PRO A 26 -9.28 7.51 17.05
C PRO A 26 -8.57 7.16 15.75
N SER A 27 -7.26 7.01 15.88
CA SER A 27 -6.40 6.73 14.75
C SER A 27 -6.35 5.29 14.26
N LYS A 28 -5.95 5.12 13.02
CA LYS A 28 -5.79 3.81 12.39
C LYS A 28 -4.51 4.05 11.61
N PHE A 29 -3.92 3.02 11.03
CA PHE A 29 -2.70 3.26 10.28
C PHE A 29 -2.70 2.59 8.94
N CYS A 30 -1.81 3.00 8.07
CA CYS A 30 -1.70 2.39 6.75
C CYS A 30 -0.31 2.48 6.22
N GLY A 31 -0.02 1.63 5.25
CA GLY A 31 1.24 1.64 4.54
C GLY A 31 0.99 2.53 3.31
N GLY A 32 2.05 2.82 2.56
CA GLY A 32 1.92 3.65 1.38
C GLY A 32 3.30 3.86 0.86
N PHE A 33 3.47 4.50 -0.28
CA PHE A 33 4.85 4.72 -0.76
C PHE A 33 5.06 6.08 -1.42
N LEU A 34 6.29 6.55 -1.32
CA LEU A 34 6.74 7.82 -1.86
C LEU A 34 7.04 7.69 -3.37
N ILE A 35 6.35 8.49 -4.18
CA ILE A 35 6.54 8.46 -5.63
C ILE A 35 7.29 9.72 -6.02
N ARG A 36 7.25 10.73 -5.19
CA ARG A 36 8.02 11.91 -5.53
C ARG A 36 8.27 12.63 -4.23
N ARG A 37 9.08 13.69 -4.23
CA ARG A 37 9.40 14.37 -2.99
C ARG A 37 8.23 14.80 -2.07
N ASN A 38 7.14 15.29 -2.65
CA ASN A 38 6.00 15.69 -1.84
C ASN A 38 4.74 14.91 -2.23
N PHE A 39 4.88 13.64 -2.56
CA PHE A 39 3.70 12.83 -2.93
C PHE A 39 3.86 11.36 -2.57
N VAL A 40 2.87 10.86 -1.87
CA VAL A 40 2.81 9.47 -1.43
C VAL A 40 1.57 8.82 -2.04
N LEU A 41 1.68 7.56 -2.43
CA LEU A 41 0.53 6.86 -3.01
C LEU A 41 0.10 5.88 -1.97
N THR A 42 -1.20 5.77 -1.79
CA THR A 42 -1.80 4.86 -0.81
C THR A 42 -3.19 4.51 -1.30
N ALA A 43 -3.94 3.81 -0.45
CA ALA A 43 -5.31 3.44 -0.77
C ALA A 43 -6.28 4.54 -0.32
N ALA A 44 -7.40 4.65 -1.03
CA ALA A 44 -8.47 5.60 -0.72
C ALA A 44 -9.15 5.27 0.63
N HIS A 45 -9.07 4.00 0.99
CA HIS A 45 -9.59 3.45 2.23
C HIS A 45 -8.76 3.94 3.44
N CYS A 46 -7.69 4.68 3.18
CA CYS A 46 -6.82 5.19 4.23
C CYS A 46 -7.04 6.68 4.39
N ALA A 47 -8.17 7.19 3.89
CA ALA A 47 -8.52 8.63 3.96
C ALA A 47 -9.02 8.99 5.33
N GLY A 48 -8.68 10.18 5.80
CA GLY A 48 -9.14 10.62 7.12
C GLY A 48 -9.10 12.12 7.39
N ARG A 49 -9.34 12.46 8.67
CA ARG A 49 -9.35 13.85 9.11
C ARG A 49 -8.01 14.53 8.89
N SER A 50 -6.95 13.92 9.40
CA SER A 50 -5.62 14.47 9.19
C SER A 50 -4.72 13.24 9.17
N ILE A 51 -3.57 13.38 8.53
CA ILE A 51 -2.66 12.27 8.35
C ILE A 51 -1.22 12.79 8.40
N THR A 52 -0.37 11.96 9.02
CA THR A 52 1.05 12.22 9.14
C THR A 52 1.76 11.00 8.58
N VAL A 53 2.84 11.27 7.87
CA VAL A 53 3.63 10.22 7.27
C VAL A 53 5.02 10.16 7.84
N THR A 54 5.45 8.98 8.23
CA THR A 54 6.79 8.80 8.72
C THR A 54 7.55 8.07 7.62
N LEU A 55 8.63 8.69 7.15
CA LEU A 55 9.50 8.16 6.11
C LEU A 55 10.84 7.80 6.73
N GLY A 56 11.43 6.73 6.20
CA GLY A 56 12.73 6.24 6.66
C GLY A 56 12.74 5.45 7.95
N ALA A 57 11.63 4.87 8.31
CA ALA A 57 11.57 4.14 9.55
C ALA A 57 11.72 2.62 9.36
N HIS A 58 12.12 1.92 10.42
CA HIS A 58 12.14 0.47 10.40
C HIS A 58 11.19 0.06 11.51
N ASN A 59 11.67 0.27 12.74
CA ASN A 59 10.87 0.02 13.94
C ASN A 59 10.17 1.39 14.19
N ILE A 60 8.87 1.42 14.00
CA ILE A 60 8.13 2.65 14.16
C ILE A 60 8.00 3.09 15.63
N THR A 61 8.60 2.38 16.57
CA THR A 61 8.49 2.77 17.98
C THR A 61 9.72 3.51 18.48
N GLU A 62 10.81 3.39 17.74
CA GLU A 62 12.03 4.05 18.11
C GLU A 62 12.51 4.89 16.96
N GLU A 63 12.59 6.21 17.13
CA GLU A 63 13.09 7.05 16.05
C GLU A 63 14.56 6.88 15.84
N GLU A 64 15.03 7.23 14.66
CA GLU A 64 16.42 7.12 14.31
C GLU A 64 16.67 8.36 13.49
N ASP A 65 17.92 8.58 13.11
CA ASP A 65 18.30 9.73 12.28
C ASP A 65 17.74 9.63 10.86
N THR A 66 17.25 8.45 10.48
CA THR A 66 16.70 8.26 9.13
C THR A 66 15.30 8.85 9.04
N TRP A 67 14.59 8.85 10.17
CA TRP A 67 13.22 9.37 10.28
C TRP A 67 12.99 10.76 9.68
N GLN A 68 11.84 10.90 9.03
CA GLN A 68 11.37 12.16 8.46
C GLN A 68 9.84 12.03 8.53
N LYS A 69 9.25 12.87 9.36
CA LYS A 69 7.80 12.87 9.57
C LYS A 69 7.24 14.16 8.97
N LEU A 70 6.36 14.03 7.98
CA LEU A 70 5.82 15.20 7.34
C LEU A 70 4.30 15.22 7.43
N GLU A 71 3.71 16.41 7.31
CA GLU A 71 2.25 16.55 7.37
C GLU A 71 1.69 16.41 5.96
N VAL A 72 0.48 15.90 5.86
CA VAL A 72 -0.22 15.78 4.59
C VAL A 72 -1.03 17.07 4.43
N ILE A 73 -0.72 17.84 3.39
CA ILE A 73 -1.43 19.08 3.12
C ILE A 73 -2.72 18.93 2.32
N LYS A 74 -2.90 17.78 1.65
CA LYS A 74 -4.11 17.53 0.84
C LYS A 74 -4.25 16.07 0.44
N GLN A 75 -5.48 15.58 0.44
CA GLN A 75 -5.82 14.20 0.09
C GLN A 75 -6.54 14.07 -1.27
N PHE A 76 -5.88 13.53 -2.29
CA PHE A 76 -6.55 13.35 -3.56
C PHE A 76 -7.14 11.94 -3.62
N ARG A 77 -8.32 11.74 -3.06
CA ARG A 77 -8.94 10.42 -3.11
C ARG A 77 -9.44 10.17 -4.53
N HIS A 78 -9.58 8.92 -4.95
CA HIS A 78 -10.16 8.71 -6.28
C HIS A 78 -11.66 9.04 -6.11
N PRO A 79 -12.19 9.92 -6.96
CA PRO A 79 -13.59 10.35 -6.92
C PRO A 79 -14.58 9.22 -7.21
N LYS A 80 -14.14 8.23 -7.97
CA LYS A 80 -15.01 7.10 -8.25
C LYS A 80 -14.80 6.03 -7.17
N TYR A 81 -14.03 6.38 -6.14
CA TYR A 81 -13.79 5.47 -5.04
C TYR A 81 -15.14 5.15 -4.43
N ASN A 82 -15.48 3.87 -4.40
CA ASN A 82 -16.77 3.47 -3.89
C ASN A 82 -16.62 2.46 -2.77
N THR A 83 -17.25 2.75 -1.64
CA THR A 83 -17.17 1.89 -0.47
C THR A 83 -17.94 0.61 -0.64
N SER A 84 -18.67 0.48 -1.74
CA SER A 84 -19.43 -0.75 -1.92
C SER A 84 -18.65 -1.74 -2.78
N THR A 85 -18.33 -1.36 -4.00
CA THR A 85 -17.58 -2.26 -4.86
C THR A 85 -16.08 -2.22 -4.50
N LEU A 86 -15.72 -1.23 -3.67
CA LEU A 86 -14.35 -0.95 -3.23
C LEU A 86 -13.43 -0.66 -4.42
N HIS A 87 -14.06 -0.26 -5.54
CA HIS A 87 -13.35 0.04 -6.78
C HIS A 87 -12.66 1.37 -6.68
N HIS A 88 -11.49 1.45 -7.29
CA HIS A 88 -10.69 2.68 -7.34
C HIS A 88 -10.17 3.06 -5.96
N ASP A 89 -9.63 2.04 -5.29
CA ASP A 89 -9.08 2.19 -3.95
C ASP A 89 -7.64 2.68 -4.08
N ILE A 90 -7.53 3.94 -4.46
CA ILE A 90 -6.25 4.58 -4.66
C ILE A 90 -6.45 6.06 -4.26
N MET A 91 -5.38 6.64 -3.72
CA MET A 91 -5.40 8.04 -3.28
C MET A 91 -3.99 8.59 -3.33
N LEU A 92 -3.84 9.85 -3.63
CA LEU A 92 -2.51 10.47 -3.65
C LEU A 92 -2.47 11.47 -2.50
N LEU A 93 -1.36 11.54 -1.80
CA LEU A 93 -1.24 12.45 -0.68
C LEU A 93 -0.16 13.49 -0.93
N LYS A 94 -0.49 14.79 -0.83
CA LYS A 94 0.53 15.82 -1.02
C LYS A 94 1.07 16.23 0.34
N LEU A 95 2.39 16.26 0.43
CA LEU A 95 3.09 16.59 1.66
C LEU A 95 3.30 18.10 1.75
N LYS A 96 3.20 18.63 2.98
CA LYS A 96 3.42 20.06 3.28
C LYS A 96 4.82 20.44 2.80
N GLU A 97 5.79 19.57 2.99
CA GLU A 97 7.13 19.83 2.50
C GLU A 97 7.70 18.58 1.84
N LYS A 98 8.77 18.79 1.08
CA LYS A 98 9.46 17.75 0.34
C LYS A 98 10.45 16.94 1.15
N ALA A 99 10.35 15.62 1.05
CA ALA A 99 11.24 14.73 1.76
C ALA A 99 12.64 14.90 1.18
N SER A 100 13.66 14.73 2.00
CA SER A 100 15.03 14.82 1.52
C SER A 100 15.38 13.41 1.04
N LEU A 101 15.89 13.32 -0.18
CA LEU A 101 16.27 12.05 -0.76
C LEU A 101 17.57 11.64 -0.09
N THR A 102 17.49 10.52 0.63
CA THR A 102 18.63 9.95 1.32
C THR A 102 18.60 8.46 0.98
N LEU A 103 19.62 7.72 1.40
CA LEU A 103 19.64 6.28 1.11
C LEU A 103 18.53 5.52 1.84
N ALA A 104 18.04 6.15 2.92
CA ALA A 104 16.98 5.60 3.76
C ALA A 104 15.59 6.00 3.30
N VAL A 105 15.52 7.05 2.49
CA VAL A 105 14.28 7.59 2.03
C VAL A 105 14.37 7.84 0.53
N GLY A 106 13.58 7.08 -0.20
CA GLY A 106 13.61 7.21 -1.64
C GLY A 106 12.28 6.96 -2.28
N THR A 107 12.27 7.28 -3.55
CA THR A 107 11.12 7.18 -4.39
C THR A 107 11.05 5.83 -5.10
N LEU A 108 9.84 5.46 -5.55
CA LEU A 108 9.59 4.22 -6.28
C LEU A 108 8.80 4.55 -7.57
N PRO A 109 9.20 3.95 -8.70
CA PRO A 109 8.45 4.26 -9.92
C PRO A 109 7.19 3.35 -10.02
N PHE A 110 6.09 3.93 -10.47
CA PHE A 110 4.84 3.21 -10.69
C PHE A 110 4.84 2.91 -12.21
N PRO A 111 4.05 1.93 -12.67
CA PRO A 111 3.96 1.53 -14.07
C PRO A 111 3.18 2.43 -15.01
N SER A 112 3.35 2.15 -16.31
CA SER A 112 2.70 2.85 -17.40
C SER A 112 1.28 2.29 -17.59
N GLN A 113 0.49 2.96 -18.43
CA GLN A 113 -0.89 2.54 -18.71
C GLN A 113 -0.89 1.17 -19.37
N PHE A 114 0.20 0.86 -20.08
CA PHE A 114 0.28 -0.41 -20.79
C PHE A 114 1.11 -1.53 -20.15
N ASN A 115 1.48 -1.38 -18.88
CA ASN A 115 2.23 -2.42 -18.16
C ASN A 115 1.22 -3.32 -17.47
N PHE A 116 0.75 -4.37 -18.15
CA PHE A 116 -0.22 -5.29 -17.59
C PHE A 116 0.45 -6.55 -17.05
N VAL A 117 0.76 -6.56 -15.75
CA VAL A 117 1.37 -7.71 -15.09
C VAL A 117 0.31 -8.84 -15.00
N PRO A 118 0.66 -10.06 -15.48
CA PRO A 118 -0.20 -11.25 -15.51
C PRO A 118 -0.03 -12.24 -14.37
N PRO A 119 -0.98 -13.17 -14.23
CA PRO A 119 -1.02 -14.22 -13.20
C PRO A 119 0.26 -15.06 -13.20
N GLY A 120 0.66 -15.63 -12.08
CA GLY A 120 1.87 -16.44 -12.08
C GLY A 120 3.11 -15.86 -11.43
N ARG A 121 3.35 -14.56 -11.69
CA ARG A 121 4.47 -13.74 -11.17
C ARG A 121 4.50 -13.76 -9.66
N MET A 122 5.67 -13.72 -9.03
CA MET A 122 5.75 -13.68 -7.57
C MET A 122 6.22 -12.28 -7.23
N CYS A 123 5.42 -11.56 -6.48
CA CYS A 123 5.72 -10.19 -6.10
C CYS A 123 5.90 -10.12 -4.58
N ARG A 124 6.45 -9.00 -4.09
CA ARG A 124 6.66 -8.80 -2.67
C ARG A 124 5.85 -7.66 -2.14
N VAL A 125 5.41 -7.78 -0.91
CA VAL A 125 4.66 -6.70 -0.27
C VAL A 125 5.27 -6.49 1.13
N ALA A 126 5.32 -5.24 1.56
CA ALA A 126 5.84 -4.95 2.89
C ALA A 126 4.80 -4.17 3.71
N GLY A 127 4.98 -4.15 5.03
CA GLY A 127 4.05 -3.45 5.90
C GLY A 127 4.21 -3.67 7.40
N TRP A 128 3.45 -2.86 8.13
CA TRP A 128 3.46 -2.88 9.59
C TRP A 128 2.13 -3.34 10.12
N GLY A 129 1.41 -4.15 9.36
CA GLY A 129 0.10 -4.58 9.82
C GLY A 129 0.06 -5.79 10.71
N ARG A 130 -1.13 -6.26 11.02
CA ARG A 130 -1.28 -7.42 11.85
C ARG A 130 -0.51 -8.63 11.28
N THR A 131 0.06 -9.41 12.20
CA THR A 131 0.83 -10.59 11.87
C THR A 131 0.02 -11.87 12.04
N GLY A 132 -1.30 -11.72 12.07
CA GLY A 132 -2.19 -12.84 12.27
C GLY A 132 -3.58 -12.23 12.36
N VAL A 133 -4.63 -13.07 12.42
CA VAL A 133 -6.00 -12.52 12.47
C VAL A 133 -6.30 -11.64 13.71
N LEU A 134 -5.99 -12.12 14.89
CA LEU A 134 -6.25 -11.30 16.09
C LEU A 134 -4.93 -10.85 16.77
N LYS A 135 -3.83 -10.83 16.03
CA LYS A 135 -2.54 -10.46 16.57
C LYS A 135 -2.26 -8.98 16.39
N PRO A 136 -1.47 -8.37 17.29
CA PRO A 136 -1.17 -6.94 17.17
C PRO A 136 -0.43 -6.62 15.87
N GLY A 137 -0.27 -5.34 15.56
CA GLY A 137 0.45 -4.98 14.33
C GLY A 137 1.91 -5.17 14.67
N SER A 138 2.79 -5.09 13.69
CA SER A 138 4.25 -5.24 13.88
C SER A 138 4.93 -3.87 14.09
N ASP A 139 5.87 -3.78 15.03
CA ASP A 139 6.59 -2.52 15.27
C ASP A 139 7.61 -2.39 14.13
N THR A 140 8.09 -3.55 13.65
CA THR A 140 9.07 -3.56 12.57
C THR A 140 8.47 -3.91 11.21
N LEU A 141 9.09 -3.39 10.16
CA LEU A 141 8.64 -3.70 8.80
C LEU A 141 8.85 -5.17 8.38
N GLN A 142 7.76 -5.82 8.02
CA GLN A 142 7.75 -7.19 7.58
C GLN A 142 7.48 -7.15 6.10
N GLU A 143 7.69 -8.28 5.47
CA GLU A 143 7.46 -8.44 4.04
C GLU A 143 7.27 -9.94 3.75
N VAL A 144 6.47 -10.21 2.72
CA VAL A 144 6.18 -11.60 2.28
C VAL A 144 6.17 -11.68 0.75
N LYS A 145 6.56 -12.84 0.21
CA LYS A 145 6.56 -13.05 -1.23
C LYS A 145 5.26 -13.76 -1.42
N LEU A 146 4.54 -13.34 -2.44
CA LEU A 146 3.21 -13.81 -2.80
C LEU A 146 3.10 -14.02 -4.30
N ARG A 147 2.20 -14.92 -4.69
CA ARG A 147 1.99 -15.20 -6.12
C ARG A 147 0.75 -14.50 -6.70
N LEU A 148 0.88 -13.90 -7.87
CA LEU A 148 -0.30 -13.32 -8.51
C LEU A 148 -1.19 -14.48 -9.05
N MET A 149 -2.49 -14.42 -8.81
CA MET A 149 -3.40 -15.47 -9.21
C MET A 149 -4.22 -15.05 -10.41
N ASP A 150 -4.82 -16.04 -11.08
CA ASP A 150 -5.72 -15.84 -12.22
C ASP A 150 -6.99 -15.22 -11.60
N PRO A 151 -7.66 -14.34 -12.36
CA PRO A 151 -8.86 -13.67 -11.91
C PRO A 151 -9.86 -14.52 -11.15
N GLN A 152 -10.00 -15.79 -11.54
CA GLN A 152 -10.98 -16.73 -10.93
C GLN A 152 -10.73 -17.10 -9.48
N ALA A 153 -9.44 -17.10 -9.10
CA ALA A 153 -9.03 -17.37 -7.71
C ALA A 153 -9.74 -16.37 -6.73
N CYS A 154 -10.08 -15.20 -7.25
CA CYS A 154 -10.75 -14.13 -6.51
C CYS A 154 -12.22 -13.88 -6.81
N SER A 155 -12.86 -14.73 -7.59
CA SER A 155 -14.25 -14.40 -7.87
C SER A 155 -15.24 -14.54 -6.69
N HIS A 156 -14.72 -14.93 -5.52
CA HIS A 156 -15.59 -15.00 -4.35
C HIS A 156 -15.85 -13.58 -3.87
N PHE A 157 -14.99 -12.65 -4.30
CA PHE A 157 -15.11 -11.25 -3.93
C PHE A 157 -16.08 -10.54 -4.86
N ARG A 158 -17.22 -10.10 -4.33
CA ARG A 158 -18.19 -9.42 -5.15
C ARG A 158 -17.58 -8.22 -5.89
N ASP A 159 -17.85 -8.13 -7.20
CA ASP A 159 -17.33 -7.04 -8.04
C ASP A 159 -15.83 -7.05 -8.43
N PHE A 160 -15.13 -8.16 -8.16
CA PHE A 160 -13.72 -8.26 -8.53
C PHE A 160 -13.65 -8.02 -10.03
N ASP A 161 -12.68 -7.24 -10.45
CA ASP A 161 -12.50 -6.88 -11.84
C ASP A 161 -11.01 -6.91 -12.15
N HIS A 162 -10.67 -7.80 -13.08
CA HIS A 162 -9.31 -8.05 -13.60
C HIS A 162 -8.54 -6.81 -14.10
N ASN A 163 -9.24 -5.96 -14.82
CA ASN A 163 -8.65 -4.74 -15.38
C ASN A 163 -8.23 -3.70 -14.33
N LEU A 164 -8.98 -3.65 -13.23
CA LEU A 164 -8.74 -2.71 -12.12
C LEU A 164 -8.01 -3.28 -10.89
N GLN A 165 -8.12 -4.59 -10.68
CA GLN A 165 -7.53 -5.24 -9.50
C GLN A 165 -6.66 -6.47 -9.75
N LEU A 166 -5.85 -6.81 -8.75
CA LEU A 166 -4.94 -7.92 -8.73
C LEU A 166 -5.42 -8.93 -7.68
N CYS A 167 -5.34 -10.21 -8.01
CA CYS A 167 -5.73 -11.31 -7.13
C CYS A 167 -4.40 -11.79 -6.61
N VAL A 168 -4.19 -11.65 -5.32
CA VAL A 168 -2.87 -11.92 -4.75
C VAL A 168 -2.77 -12.90 -3.60
N GLY A 169 -1.93 -13.90 -3.81
CA GLY A 169 -1.71 -14.89 -2.79
C GLY A 169 -2.36 -16.21 -3.15
N ASN A 170 -1.56 -17.26 -3.05
CA ASN A 170 -1.93 -18.65 -3.31
C ASN A 170 -2.94 -19.14 -2.25
N PRO A 171 -4.12 -19.62 -2.68
CA PRO A 171 -5.17 -20.11 -1.79
C PRO A 171 -4.74 -21.20 -0.83
N ARG A 172 -3.66 -21.90 -1.18
CA ARG A 172 -3.19 -23.02 -0.34
C ARG A 172 -2.25 -22.61 0.78
N LYS A 173 -1.79 -21.39 0.75
CA LYS A 173 -0.87 -20.99 1.81
C LYS A 173 -1.46 -19.94 2.78
N THR A 174 -0.75 -19.63 3.80
CA THR A 174 -1.24 -18.73 4.83
C THR A 174 -0.78 -17.27 4.58
N LYS A 175 0.37 -17.13 3.95
CA LYS A 175 0.96 -15.86 3.66
C LYS A 175 -0.05 -14.89 3.07
N SER A 176 0.01 -13.64 3.50
CA SER A 176 -0.94 -12.63 3.01
C SER A 176 -0.68 -11.26 3.65
N ALA A 177 -1.24 -10.22 3.05
CA ALA A 177 -1.13 -8.85 3.59
C ALA A 177 -2.41 -8.84 4.44
N PHE A 178 -2.48 -8.03 5.49
CA PHE A 178 -3.67 -8.03 6.35
C PHE A 178 -3.91 -6.61 6.91
N LYS A 179 -4.87 -6.46 7.82
CA LYS A 179 -5.25 -5.16 8.37
C LYS A 179 -4.04 -4.44 8.80
N GLY A 180 -3.92 -3.17 8.42
CA GLY A 180 -2.74 -2.40 8.74
C GLY A 180 -1.85 -2.28 7.51
N ASP A 181 -1.88 -3.28 6.61
CA ASP A 181 -1.05 -3.27 5.40
C ASP A 181 -1.63 -2.48 4.25
N SER A 182 -2.89 -2.08 4.43
CA SER A 182 -3.58 -1.29 3.45
C SER A 182 -2.75 -0.11 2.94
N GLY A 183 -2.75 0.14 1.63
CA GLY A 183 -1.97 1.27 1.16
C GLY A 183 -0.54 0.90 0.80
N GLY A 184 0.02 -0.15 1.37
CA GLY A 184 1.39 -0.51 0.98
C GLY A 184 1.52 -1.05 -0.44
N PRO A 185 2.64 -0.85 -1.11
CA PRO A 185 2.71 -1.39 -2.50
C PRO A 185 3.14 -2.87 -2.66
N LEU A 186 2.77 -3.44 -3.82
CA LEU A 186 3.15 -4.80 -4.21
C LEU A 186 4.22 -4.48 -5.24
N LEU A 187 5.43 -5.00 -5.04
CA LEU A 187 6.53 -4.80 -5.98
C LEU A 187 6.70 -6.05 -6.83
N CYS A 188 6.72 -5.92 -8.14
CA CYS A 188 6.96 -7.09 -9.00
C CYS A 188 8.17 -6.77 -9.86
N ALA A 189 9.26 -7.51 -9.64
CA ALA A 189 10.51 -7.33 -10.38
C ALA A 189 11.07 -5.90 -10.24
N GLY A 190 10.81 -5.28 -9.09
CA GLY A 190 11.25 -3.94 -8.83
C GLY A 190 10.33 -2.82 -9.26
N VAL A 191 9.11 -3.15 -9.69
CA VAL A 191 8.16 -2.11 -10.13
C VAL A 191 6.95 -2.26 -9.24
N ALA A 192 6.30 -1.17 -8.88
CA ALA A 192 5.11 -1.28 -8.04
C ALA A 192 3.95 -1.54 -8.99
N GLN A 193 3.27 -2.65 -8.81
CA GLN A 193 2.16 -2.95 -9.70
C GLN A 193 0.82 -2.86 -9.00
N GLY A 194 0.85 -2.96 -7.67
CA GLY A 194 -0.40 -2.92 -6.95
C GLY A 194 -0.35 -2.21 -5.62
N ILE A 195 -1.51 -2.12 -4.97
CA ILE A 195 -1.67 -1.47 -3.68
C ILE A 195 -2.56 -2.35 -2.84
N VAL A 196 -2.14 -2.68 -1.64
CA VAL A 196 -2.99 -3.51 -0.80
C VAL A 196 -4.32 -2.77 -0.63
N SER A 197 -5.41 -3.45 -0.93
CA SER A 197 -6.73 -2.85 -0.80
C SER A 197 -7.60 -3.55 0.25
N TYR A 198 -7.96 -4.80 -0.04
CA TYR A 198 -8.77 -5.61 0.88
C TYR A 198 -8.64 -7.15 0.77
N GLY A 199 -9.38 -7.84 1.63
CA GLY A 199 -9.37 -9.28 1.64
C GLY A 199 -10.37 -9.72 2.69
N ARG A 200 -10.35 -10.99 3.04
CA ARG A 200 -11.24 -11.53 4.05
C ARG A 200 -10.89 -11.16 5.52
N SER A 201 -11.91 -11.12 6.38
CA SER A 201 -11.70 -10.83 7.80
C SER A 201 -10.97 -11.97 8.44
N ASP A 202 -11.02 -13.17 7.83
CA ASP A 202 -10.30 -14.30 8.41
C ASP A 202 -8.90 -14.42 7.88
N ALA A 203 -8.50 -13.43 7.09
CA ALA A 203 -7.16 -13.34 6.53
C ALA A 203 -6.73 -14.49 5.60
N LYS A 204 -7.69 -15.21 5.03
CA LYS A 204 -7.35 -16.30 4.11
C LYS A 204 -7.09 -15.76 2.70
N PRO A 205 -5.86 -15.90 2.18
CA PRO A 205 -5.57 -15.39 0.83
C PRO A 205 -6.31 -16.15 -0.28
N PRO A 206 -6.45 -15.55 -1.47
CA PRO A 206 -5.99 -14.25 -1.96
C PRO A 206 -6.64 -12.99 -1.39
N ALA A 207 -5.88 -11.92 -1.43
CA ALA A 207 -6.37 -10.62 -1.01
C ALA A 207 -6.37 -9.82 -2.31
N VAL A 208 -7.22 -8.79 -2.40
CA VAL A 208 -7.30 -7.97 -3.59
C VAL A 208 -6.48 -6.69 -3.45
N PHE A 209 -5.73 -6.39 -4.53
CA PHE A 209 -4.87 -5.20 -4.61
C PHE A 209 -5.38 -4.36 -5.77
N THR A 210 -5.12 -3.05 -5.72
CA THR A 210 -5.50 -2.12 -6.77
C THR A 210 -4.41 -2.30 -7.84
N ARG A 211 -4.82 -2.36 -9.12
CA ARG A 211 -3.83 -2.51 -10.21
C ARG A 211 -3.49 -1.11 -10.68
N ILE A 212 -2.30 -0.65 -10.28
CA ILE A 212 -1.88 0.73 -10.61
C ILE A 212 -1.70 1.21 -12.04
N SER A 213 -1.23 0.33 -12.93
CA SER A 213 -1.05 0.70 -14.35
C SER A 213 -2.30 1.36 -14.89
N HIS A 214 -3.43 0.82 -14.49
CA HIS A 214 -4.72 1.33 -14.94
C HIS A 214 -5.07 2.78 -14.55
N TYR A 215 -4.48 3.24 -13.44
CA TYR A 215 -4.71 4.57 -12.89
C TYR A 215 -3.61 5.57 -13.26
N ARG A 216 -2.64 5.09 -14.02
CA ARG A 216 -1.51 5.90 -14.47
C ARG A 216 -1.92 7.32 -14.96
N PRO A 217 -2.84 7.42 -15.95
CA PRO A 217 -3.23 8.76 -16.41
C PRO A 217 -3.76 9.66 -15.28
N TRP A 218 -4.57 9.11 -14.37
CA TRP A 218 -5.12 9.89 -13.27
C TRP A 218 -4.04 10.37 -12.29
N ILE A 219 -3.12 9.49 -11.93
CA ILE A 219 -2.02 9.83 -11.06
C ILE A 219 -1.36 11.01 -11.74
N ASN A 220 -1.15 10.83 -13.05
CA ASN A 220 -0.51 11.81 -13.90
C ASN A 220 -1.21 13.16 -13.94
N GLN A 221 -2.54 13.11 -13.98
CA GLN A 221 -3.33 14.33 -14.03
C GLN A 221 -3.09 15.15 -12.79
N ILE A 222 -3.23 14.51 -11.63
CA ILE A 222 -3.00 15.21 -10.37
C ILE A 222 -1.55 15.67 -10.22
N LEU A 223 -0.60 14.79 -10.49
CA LEU A 223 0.83 15.10 -10.37
C LEU A 223 1.22 16.28 -11.24
N GLN A 224 0.55 16.45 -12.36
CA GLN A 224 0.90 17.56 -13.22
C GLN A 224 0.15 18.82 -12.82
N ALA A 225 -0.97 18.64 -12.12
CA ALA A 225 -1.77 19.76 -11.64
C ALA A 225 -1.22 20.18 -10.29
N ASN A 226 -0.52 19.25 -9.65
CA ASN A 226 0.08 19.42 -8.34
C ASN A 226 -1.00 19.79 -7.34
#